data_9JZV
#
_entry.id   9JZV
#
_cell.length_a   70.645
_cell.length_b   70.645
_cell.length_c   80.802
_cell.angle_alpha   90.00
_cell.angle_beta   90.00
_cell.angle_gamma   120.00
#
_symmetry.space_group_name_H-M   'P 31 2 1'
#
loop_
_entity.id
_entity.type
_entity.pdbx_description
1 polymer 'Peptidyl-prolyl cis-trans isomerase NIMA-interacting 1'
2 non-polymer 3,6,9,12,15,18,21-HEPTAOXATRICOSANE-1,23-DIOL
3 non-polymer 1,3-dimethylimidazolidin-2-one
4 non-polymer 'SULFATE ION'
5 non-polymer 'CHLORIDE ION'
6 water water
#
_entity_poly.entity_id   1
_entity_poly.type   'polypeptide(L)'
_entity_poly.pdbx_seq_one_letter_code
;MADEEKLPPGWEKAMSRSSGRVYYFNHITNASQWERPSGNSSSGGKNGQGEPARVRCSHLLVKHSQSRRPSSWRQEKITR
TKEEALELINGYIQKIKSGEEDFESLASQFSDCSSAKARGDLGAFSRGQMQKPFEDASFALRTGEMSGPVFTDSGIHIIL
RTE
;
_entity_poly.pdbx_strand_id   A
#
loop_
_chem_comp.id
_chem_comp.type
_chem_comp.name
_chem_comp.formula
A1EEA non-polymer 1,3-dimethylimidazolidin-2-one 'C5 H10 N2 O'
CL non-polymer 'CHLORIDE ION' 'Cl -1'
PE8 non-polymer 3,6,9,12,15,18,21-HEPTAOXATRICOSANE-1,23-DIOL 'C16 H34 O9'
SO4 non-polymer 'SULFATE ION' 'O4 S -2'
#
# COMPACT_ATOMS: atom_id res chain seq x y z
N LYS A 6 -15.55 17.98 8.28
CA LYS A 6 -16.47 16.93 7.86
C LYS A 6 -15.92 15.54 8.19
N LEU A 7 -14.88 15.14 7.46
CA LEU A 7 -14.28 13.81 7.55
C LEU A 7 -12.77 13.93 7.73
N PRO A 8 -12.14 12.90 8.28
CA PRO A 8 -10.68 12.93 8.54
C PRO A 8 -9.87 13.29 7.31
N PRO A 9 -8.55 13.58 7.48
CA PRO A 9 -7.74 14.10 6.35
C PRO A 9 -7.74 13.22 5.13
N GLY A 10 -8.29 13.72 4.01
CA GLY A 10 -8.16 13.07 2.71
C GLY A 10 -9.39 12.34 2.17
N TRP A 11 -10.45 12.20 2.96
CA TRP A 11 -11.61 11.40 2.59
C TRP A 11 -12.64 12.21 1.80
N GLU A 12 -13.35 11.53 0.89
CA GLU A 12 -14.49 12.11 0.18
C GLU A 12 -15.53 11.02 -0.07
N LYS A 13 -16.78 11.45 -0.27
CA LYS A 13 -17.90 10.57 -0.61
C LYS A 13 -17.91 10.25 -2.10
N ALA A 14 -18.34 9.02 -2.44
CA ALA A 14 -18.50 8.62 -3.83
C ALA A 14 -19.72 7.71 -3.96
N MET A 15 -20.03 7.34 -5.20
CA MET A 15 -21.17 6.47 -5.49
C MET A 15 -20.70 5.27 -6.30
N SER A 16 -21.10 4.07 -5.87
CA SER A 16 -20.79 2.84 -6.59
C SER A 16 -21.50 2.80 -7.94
N ARG A 17 -20.75 2.47 -9.01
CA ARG A 17 -21.35 2.31 -10.33
C ARG A 17 -22.18 1.03 -10.43
N SER A 18 -21.77 -0.03 -9.74
CA SER A 18 -22.46 -1.29 -9.91
C SER A 18 -23.62 -1.48 -8.95
N SER A 19 -23.68 -0.73 -7.83
CA SER A 19 -24.76 -0.91 -6.87
C SER A 19 -25.55 0.35 -6.54
N GLY A 20 -24.99 1.54 -6.75
CA GLY A 20 -25.69 2.77 -6.39
C GLY A 20 -25.57 3.16 -4.93
N ARG A 21 -24.88 2.38 -4.11
CA ARG A 21 -24.72 2.69 -2.71
C ARG A 21 -23.49 3.57 -2.52
N VAL A 22 -23.57 4.50 -1.55
CA VAL A 22 -22.47 5.42 -1.31
C VAL A 22 -21.29 4.67 -0.68
N TYR A 23 -20.08 5.17 -0.90
CA TYR A 23 -18.89 4.65 -0.21
C TYR A 23 -17.93 5.81 0.01
N TYR A 24 -16.78 5.55 0.65
CA TYR A 24 -15.81 6.58 1.02
C TYR A 24 -14.43 6.26 0.43
N PHE A 25 -13.74 7.28 -0.07
CA PHE A 25 -12.47 7.10 -0.77
C PHE A 25 -11.47 8.15 -0.26
N ASN A 26 -10.20 7.76 -0.10
CA ASN A 26 -9.14 8.64 0.42
C ASN A 26 -8.10 8.84 -0.67
N HIS A 27 -7.87 10.10 -1.07
CA HIS A 27 -7.02 10.36 -2.22
C HIS A 27 -5.53 10.46 -1.85
N ILE A 28 -5.18 10.34 -0.56
CA ILE A 28 -3.76 10.27 -0.18
C ILE A 28 -3.28 8.83 -0.04
N THR A 29 -4.14 7.92 0.46
CA THR A 29 -3.75 6.53 0.64
C THR A 29 -4.31 5.59 -0.42
N ASN A 30 -5.26 6.09 -1.25
CA ASN A 30 -6.02 5.29 -2.21
C ASN A 30 -6.85 4.18 -1.56
N ALA A 31 -7.18 4.30 -0.26
CA ALA A 31 -8.11 3.35 0.35
C ALA A 31 -9.56 3.67 -0.02
N SER A 32 -10.39 2.62 -0.06
CA SER A 32 -11.84 2.75 -0.25
C SER A 32 -12.59 1.72 0.61
N GLN A 33 -13.77 2.13 1.14
CA GLN A 33 -14.57 1.32 2.06
C GLN A 33 -16.03 1.77 2.09
N TRP A 34 -16.92 0.88 2.50
CA TRP A 34 -18.38 1.21 2.56
C TRP A 34 -18.69 2.03 3.81
N GLU A 35 -17.96 1.81 4.89
CA GLU A 35 -18.29 2.42 6.21
C GLU A 35 -17.71 3.83 6.38
N ARG A 36 -18.41 4.68 7.14
CA ARG A 36 -17.98 6.07 7.34
C ARG A 36 -16.71 6.15 8.21
N PRO A 37 -15.66 6.85 7.75
CA PRO A 37 -14.36 6.76 8.43
C PRO A 37 -14.41 7.26 9.87
N SER A 38 -13.62 6.60 10.72
CA SER A 38 -13.68 6.83 12.16
C SER A 38 -13.10 8.18 12.54
N GLY A 39 -13.83 8.90 13.39
CA GLY A 39 -13.36 10.15 14.00
C GLY A 39 -12.60 11.12 13.12
N GLU A 51 -0.64 15.13 14.55
CA GLU A 51 -0.04 13.92 13.99
C GLU A 51 1.25 13.57 14.77
N PRO A 52 1.49 12.27 14.95
CA PRO A 52 2.65 11.83 15.75
C PRO A 52 3.95 12.12 15.03
N ALA A 53 5.05 12.00 15.78
CA ALA A 53 6.36 12.29 15.23
C ALA A 53 6.90 11.14 14.39
N ARG A 54 6.49 9.90 14.70
CA ARG A 54 6.97 8.71 14.02
C ARG A 54 5.83 7.70 13.88
N VAL A 55 5.88 6.89 12.82
CA VAL A 55 4.98 5.76 12.61
C VAL A 55 5.83 4.56 12.23
N ARG A 56 5.26 3.37 12.41
CA ARG A 56 5.87 2.11 12.01
C ARG A 56 4.99 1.47 10.93
N CYS A 57 5.60 0.96 9.84
CA CYS A 57 4.84 0.37 8.75
C CYS A 57 5.55 -0.86 8.20
N SER A 58 4.76 -1.76 7.62
CA SER A 58 5.20 -2.84 6.73
C SER A 58 4.69 -2.55 5.32
N HIS A 59 5.31 -3.20 4.32
CA HIS A 59 4.80 -3.03 2.95
C HIS A 59 5.06 -4.29 2.11
N LEU A 60 4.36 -4.34 0.97
CA LEU A 60 4.54 -5.32 -0.09
C LEU A 60 4.76 -4.52 -1.36
N LEU A 61 5.91 -4.73 -2.02
CA LEU A 61 6.27 -3.98 -3.23
C LEU A 61 6.28 -4.88 -4.46
N VAL A 62 5.69 -4.39 -5.56
CA VAL A 62 5.77 -5.05 -6.86
C VAL A 62 6.45 -4.09 -7.84
N LYS A 63 7.59 -4.50 -8.39
CA LYS A 63 8.37 -3.66 -9.30
C LYS A 63 7.92 -3.85 -10.75
N HIS A 64 8.47 -3.02 -11.63
CA HIS A 64 8.17 -3.10 -13.05
C HIS A 64 9.36 -2.54 -13.85
N SER A 65 9.26 -2.63 -15.18
CA SER A 65 10.41 -2.35 -16.04
C SER A 65 10.86 -0.89 -16.00
N GLN A 66 10.01 0.05 -15.55
CA GLN A 66 10.44 1.42 -15.36
C GLN A 66 10.84 1.73 -13.91
N SER A 67 10.98 0.72 -13.05
CA SER A 67 11.43 0.97 -11.69
C SER A 67 12.88 1.50 -11.68
N ARG A 68 13.19 2.31 -10.65
CA ARG A 68 14.52 2.89 -10.51
C ARG A 68 15.62 1.84 -10.58
N ARG A 69 15.39 0.65 -10.06
CA ARG A 69 16.33 -0.47 -10.20
C ARG A 69 15.50 -1.71 -10.54
N PRO A 70 15.44 -2.10 -11.84
CA PRO A 70 14.56 -3.21 -12.25
C PRO A 70 15.14 -4.60 -11.94
N SER A 71 15.30 -4.89 -10.65
CA SER A 71 15.87 -6.16 -10.18
C SER A 71 15.53 -6.35 -8.71
N SER A 72 15.56 -7.61 -8.26
CA SER A 72 15.26 -7.94 -6.86
C SER A 72 15.71 -9.36 -6.55
N TRP A 73 15.60 -9.73 -5.27
CA TRP A 73 15.99 -11.08 -4.83
C TRP A 73 15.16 -12.18 -5.50
N ARG A 74 13.97 -11.84 -6.01
CA ARG A 74 13.15 -12.83 -6.73
C ARG A 74 13.58 -13.01 -8.18
N GLN A 75 14.15 -11.97 -8.80
CA GLN A 75 14.34 -11.91 -10.25
C GLN A 75 15.51 -11.00 -10.57
N GLU A 76 16.56 -11.54 -11.22
CA GLU A 76 17.71 -10.72 -11.62
C GLU A 76 17.33 -9.61 -12.60
N LYS A 77 16.45 -9.89 -13.56
CA LYS A 77 15.97 -8.88 -14.50
C LYS A 77 14.44 -8.89 -14.45
N ILE A 78 13.86 -7.79 -13.97
CA ILE A 78 12.40 -7.64 -13.90
C ILE A 78 11.88 -7.00 -15.19
N THR A 79 10.95 -7.70 -15.87
CA THR A 79 10.48 -7.33 -17.21
C THR A 79 9.01 -6.98 -17.31
N ARG A 80 8.23 -7.13 -16.24
CA ARG A 80 6.78 -6.92 -16.33
C ARG A 80 6.45 -5.44 -16.51
N THR A 81 5.40 -5.17 -17.28
CA THR A 81 4.97 -3.79 -17.46
C THR A 81 4.33 -3.25 -16.19
N LYS A 82 4.22 -1.92 -16.15
CA LYS A 82 3.56 -1.24 -15.05
C LYS A 82 2.10 -1.66 -14.94
N GLU A 83 1.41 -1.80 -16.07
CA GLU A 83 0.01 -2.23 -16.01
C GLU A 83 -0.13 -3.62 -15.41
N GLU A 84 0.82 -4.52 -15.72
CA GLU A 84 0.82 -5.88 -15.16
C GLU A 84 1.11 -5.86 -13.65
N ALA A 85 2.02 -4.98 -13.20
CA ALA A 85 2.30 -4.85 -11.77
C ALA A 85 1.07 -4.38 -11.00
N LEU A 86 0.28 -3.47 -11.58
CA LEU A 86 -0.93 -3.03 -10.89
C LEU A 86 -1.95 -4.15 -10.78
N GLU A 87 -2.04 -5.03 -11.79
CA GLU A 87 -3.03 -6.11 -11.68
C GLU A 87 -2.64 -7.09 -10.56
N LEU A 88 -1.34 -7.39 -10.43
CA LEU A 88 -0.88 -8.24 -9.33
C LEU A 88 -1.19 -7.61 -7.97
N ILE A 89 -0.88 -6.32 -7.81
CA ILE A 89 -1.22 -5.60 -6.57
C ILE A 89 -2.72 -5.69 -6.28
N ASN A 90 -3.56 -5.43 -7.30
CA ASN A 90 -5.01 -5.50 -7.10
C ASN A 90 -5.46 -6.89 -6.62
N GLY A 91 -4.87 -7.96 -7.17
CA GLY A 91 -5.25 -9.31 -6.72
C GLY A 91 -4.85 -9.63 -5.30
N TYR A 92 -3.67 -9.16 -4.87
CA TYR A 92 -3.26 -9.36 -3.48
C TYR A 92 -4.20 -8.63 -2.52
N ILE A 93 -4.62 -7.40 -2.86
CA ILE A 93 -5.56 -6.68 -2.01
C ILE A 93 -6.86 -7.47 -1.87
N GLN A 94 -7.38 -8.03 -2.97
CA GLN A 94 -8.61 -8.82 -2.87
C GLN A 94 -8.48 -9.97 -1.88
N LYS A 95 -7.38 -10.73 -1.96
CA LYS A 95 -7.24 -11.89 -1.08
C LYS A 95 -7.03 -11.49 0.39
N ILE A 96 -6.32 -10.38 0.66
CA ILE A 96 -6.21 -9.90 2.03
C ILE A 96 -7.58 -9.48 2.59
N LYS A 97 -8.38 -8.76 1.79
CA LYS A 97 -9.66 -8.26 2.29
C LYS A 97 -10.69 -9.38 2.50
N SER A 98 -10.68 -10.43 1.68
CA SER A 98 -11.57 -11.58 1.89
C SER A 98 -11.09 -12.54 2.99
N GLY A 99 -9.86 -12.37 3.49
CA GLY A 99 -9.34 -13.27 4.50
C GLY A 99 -8.78 -14.57 3.97
N GLU A 100 -8.79 -14.80 2.65
CA GLU A 100 -8.16 -16.01 2.12
C GLU A 100 -6.66 -16.05 2.40
N GLU A 101 -6.01 -14.89 2.54
CA GLU A 101 -4.58 -14.86 2.78
C GLU A 101 -4.27 -13.74 3.77
N ASP A 102 -3.14 -13.83 4.47
CA ASP A 102 -2.68 -12.77 5.36
C ASP A 102 -1.70 -11.84 4.64
N PHE A 103 -1.73 -10.55 5.02
CA PHE A 103 -0.76 -9.57 4.54
C PHE A 103 0.68 -10.02 4.77
N GLU A 104 0.96 -10.72 5.88
CA GLU A 104 2.36 -11.07 6.16
C GLU A 104 2.82 -12.24 5.30
N SER A 105 1.91 -13.14 4.94
CA SER A 105 2.27 -14.31 4.14
C SER A 105 2.62 -13.93 2.69
N LEU A 106 1.77 -13.10 2.05
CA LEU A 106 2.00 -12.64 0.68
C LEU A 106 3.26 -11.79 0.56
N ALA A 107 3.58 -11.01 1.60
CA ALA A 107 4.77 -10.17 1.54
C ALA A 107 6.04 -11.01 1.64
N SER A 108 6.03 -12.04 2.48
CA SER A 108 7.18 -12.95 2.55
C SER A 108 7.41 -13.66 1.23
N GLN A 109 6.33 -14.00 0.52
CA GLN A 109 6.43 -14.77 -0.71
C GLN A 109 6.67 -13.91 -1.94
N PHE A 110 6.04 -12.72 -2.02
CA PHE A 110 6.02 -12.03 -3.31
C PHE A 110 6.55 -10.60 -3.31
N SER A 111 6.91 -10.01 -2.18
CA SER A 111 7.44 -8.65 -2.22
C SER A 111 8.84 -8.58 -2.86
N ASP A 112 9.00 -7.66 -3.84
CA ASP A 112 10.30 -7.39 -4.49
C ASP A 112 11.24 -6.51 -3.63
N CYS A 113 11.01 -6.38 -2.33
CA CYS A 113 11.91 -5.64 -1.44
C CYS A 113 12.68 -6.62 -0.55
N SER A 114 13.87 -6.20 -0.10
CA SER A 114 14.65 -6.98 0.86
C SER A 114 13.93 -7.18 2.17
N SER A 115 12.92 -6.35 2.47
CA SER A 115 12.19 -6.50 3.74
C SER A 115 11.20 -7.65 3.72
N ALA A 116 11.03 -8.32 2.58
CA ALA A 116 10.26 -9.55 2.51
C ALA A 116 10.66 -10.54 3.61
N LYS A 117 11.97 -10.66 3.89
CA LYS A 117 12.48 -11.60 4.89
C LYS A 117 12.05 -11.27 6.30
N ALA A 118 11.52 -10.05 6.53
CA ALA A 118 10.98 -9.65 7.84
C ALA A 118 9.46 -9.45 7.79
N ARG A 119 8.78 -10.24 6.96
CA ARG A 119 7.33 -10.15 6.75
C ARG A 119 6.88 -8.75 6.30
N GLY A 120 7.79 -7.99 5.68
CA GLY A 120 7.51 -6.66 5.18
C GLY A 120 7.82 -5.50 6.11
N ASP A 121 8.28 -5.76 7.34
CA ASP A 121 8.47 -4.72 8.34
C ASP A 121 9.67 -3.83 7.98
N LEU A 122 9.44 -2.50 8.01
CA LEU A 122 10.45 -1.48 7.74
C LEU A 122 10.92 -0.72 8.98
N GLY A 123 10.36 -1.02 10.16
CA GLY A 123 10.67 -0.28 11.38
C GLY A 123 9.96 1.06 11.44
N ALA A 124 10.34 1.87 12.42
CA ALA A 124 9.75 3.20 12.63
C ALA A 124 10.55 4.29 11.92
N PHE A 125 9.86 5.37 11.51
CA PHE A 125 10.48 6.44 10.74
C PHE A 125 9.76 7.77 10.95
N SER A 126 10.44 8.84 10.55
CA SER A 126 9.95 10.22 10.69
C SER A 126 9.71 10.86 9.31
N ARG A 127 9.05 12.01 9.31
CA ARG A 127 8.92 12.77 8.08
C ARG A 127 10.30 13.22 7.58
N GLY A 128 10.59 12.95 6.32
CA GLY A 128 11.86 13.30 5.71
C GLY A 128 12.68 12.14 5.21
N GLN A 129 12.38 10.90 5.62
CA GLN A 129 13.24 9.76 5.33
C GLN A 129 12.79 8.89 4.16
N MET A 130 11.50 8.85 3.83
CA MET A 130 11.01 7.97 2.77
CA MET A 130 10.96 7.97 2.79
C MET A 130 10.57 8.78 1.56
N GLN A 131 10.44 8.07 0.44
CA GLN A 131 9.94 8.70 -0.79
C GLN A 131 8.60 9.34 -0.50
N LYS A 132 8.37 10.54 -1.04
CA LYS A 132 7.29 11.36 -0.54
C LYS A 132 5.89 10.73 -0.65
N PRO A 133 5.50 10.05 -1.75
CA PRO A 133 4.16 9.45 -1.76
C PRO A 133 3.97 8.40 -0.68
N PHE A 134 5.02 7.60 -0.43
CA PHE A 134 4.98 6.62 0.65
C PHE A 134 4.82 7.29 2.00
N GLU A 135 5.53 8.40 2.22
CA GLU A 135 5.46 9.11 3.49
C GLU A 135 4.06 9.67 3.75
N ASP A 136 3.50 10.37 2.76
CA ASP A 136 2.17 10.97 2.94
C ASP A 136 1.11 9.91 3.20
N ALA A 137 1.21 8.77 2.51
CA ALA A 137 0.26 7.69 2.72
C ALA A 137 0.44 7.06 4.10
N SER A 138 1.70 6.82 4.53
CA SER A 138 1.95 6.21 5.83
C SER A 138 1.36 7.05 6.96
N PHE A 139 1.57 8.38 6.92
CA PHE A 139 1.14 9.25 8.02
C PHE A 139 -0.35 9.58 8.00
N ALA A 140 -1.06 9.37 6.87
CA ALA A 140 -2.51 9.54 6.86
C ALA A 140 -3.27 8.28 7.23
N LEU A 141 -2.62 7.13 7.31
CA LEU A 141 -3.30 5.92 7.75
C LEU A 141 -3.51 5.99 9.27
N ARG A 142 -4.57 5.37 9.75
CA ARG A 142 -4.70 5.19 11.20
C ARG A 142 -4.04 3.87 11.63
N THR A 143 -3.78 3.73 12.93
CA THR A 143 -3.12 2.52 13.43
C THR A 143 -3.97 1.29 13.11
N GLY A 144 -3.39 0.32 12.39
CA GLY A 144 -4.12 -0.88 11.98
C GLY A 144 -4.68 -0.85 10.56
N GLU A 145 -4.68 0.30 9.89
CA GLU A 145 -5.25 0.47 8.55
C GLU A 145 -4.29 0.10 7.43
N MET A 146 -4.86 -0.27 6.28
CA MET A 146 -4.12 -0.61 5.07
C MET A 146 -4.47 0.37 3.94
N SER A 147 -3.49 0.64 3.07
CA SER A 147 -3.65 1.53 1.93
C SER A 147 -4.19 0.79 0.70
N GLY A 148 -4.49 1.54 -0.36
CA GLY A 148 -4.65 0.95 -1.67
C GLY A 148 -3.33 0.99 -2.42
N PRO A 149 -3.35 0.90 -3.75
CA PRO A 149 -2.09 1.03 -4.51
C PRO A 149 -1.49 2.42 -4.37
N VAL A 150 -0.21 2.47 -3.97
CA VAL A 150 0.58 3.70 -3.83
C VAL A 150 1.82 3.63 -4.71
N PHE A 151 2.04 4.67 -5.50
CA PHE A 151 3.04 4.68 -6.56
C PHE A 151 4.25 5.50 -6.15
N THR A 152 5.46 4.93 -6.30
CA THR A 152 6.72 5.67 -6.16
C THR A 152 7.66 5.31 -7.31
N ASP A 153 8.86 5.89 -7.31
CA ASP A 153 9.89 5.48 -8.27
C ASP A 153 10.43 4.06 -8.05
N SER A 154 10.13 3.40 -6.92
CA SER A 154 10.53 2.00 -6.80
C SER A 154 9.56 1.05 -7.49
N GLY A 155 8.28 1.47 -7.62
CA GLY A 155 7.21 0.59 -8.06
C GLY A 155 5.83 0.92 -7.50
N ILE A 156 5.08 -0.12 -7.10
CA ILE A 156 3.73 -0.02 -6.55
C ILE A 156 3.69 -0.77 -5.21
N HIS A 157 3.20 -0.09 -4.17
CA HIS A 157 3.18 -0.56 -2.78
C HIS A 157 1.76 -0.83 -2.26
N ILE A 158 1.65 -1.81 -1.33
CA ILE A 158 0.57 -1.88 -0.35
C ILE A 158 1.19 -1.61 1.02
N ILE A 159 0.59 -0.67 1.78
CA ILE A 159 1.15 -0.20 3.06
C ILE A 159 0.22 -0.60 4.22
N LEU A 160 0.81 -1.17 5.28
CA LEU A 160 0.08 -1.51 6.53
C LEU A 160 0.77 -0.79 7.69
N ARG A 161 0.02 0.07 8.39
CA ARG A 161 0.55 0.85 9.52
C ARG A 161 0.36 0.05 10.81
N THR A 162 1.48 -0.32 11.47
CA THR A 162 1.38 -1.15 12.67
C THR A 162 1.50 -0.35 13.98
N GLU A 163 2.09 0.84 13.95
CA GLU A 163 2.20 1.69 15.15
C GLU A 163 2.13 3.16 14.79
O1 PE8 B . -11.11 2.02 -7.51
C2 PE8 B . -11.57 0.84 -6.88
C3 PE8 B . -13.01 0.54 -7.18
O4 PE8 B . -13.88 1.35 -6.38
C5 PE8 B . -14.59 0.58 -5.41
C6 PE8 B . -15.94 1.18 -5.18
O7 PE8 B . -16.70 0.36 -4.28
C8 PE8 B . -16.26 0.44 -2.93
C9 PE8 B . -16.47 -0.89 -2.27
O10 PE8 B . -16.06 -0.84 -0.91
C11 PE8 B . -15.47 -2.08 -0.49
C12 PE8 B . -14.36 -2.42 -1.43
O13 PE8 B . -13.86 -3.70 -1.15
C14 PE8 B . -13.32 -4.34 -2.30
C15 PE8 B . -11.83 -4.25 -2.33
O16 PE8 B . -11.39 -2.90 -2.19
C17 PE8 B . -10.58 -2.48 -3.27
C18 PE8 B . -9.70 -1.36 -2.83
O19 PE8 B . -9.09 -1.76 -1.61
C20 PE8 B . -7.88 -1.08 -1.31
C21 PE8 B . -8.15 0.09 -0.42
O22 PE8 B . -8.85 -0.30 0.76
C23 PE8 B . -7.99 -0.53 1.88
C24 PE8 B . -8.75 -0.28 3.14
O25 PE8 B . -9.96 -1.03 3.21
N1 A1EEA C . 12.79 4.15 1.23
C4 A1EEA C . 9.56 2.57 0.92
C5 A1EEA C . 11.49 4.14 0.79
C1 A1EEA C . 13.71 5.26 1.07
C2 A1EEA C . 13.16 2.91 1.92
C3 A1EEA C . 11.92 2.04 1.75
N2 A1EEA C . 10.94 2.94 1.15
O1 A1EEA C . 10.92 5.05 0.19
S SO4 D . 14.83 0.88 -5.93
O1 SO4 D . 13.90 1.44 -4.94
O2 SO4 D . 14.14 0.73 -7.23
O3 SO4 D . 15.95 1.79 -6.08
O4 SO4 D . 15.28 -0.44 -5.45
CL CL E . -4.44 6.35 15.23
#